data_5L7S
#
_entry.id   5L7S
#
_cell.length_a   89.160
_cell.length_b   89.160
_cell.length_c   144.320
_cell.angle_alpha   90.00
_cell.angle_beta   90.00
_cell.angle_gamma   120.00
#
_symmetry.space_group_name_H-M   'P 31 2 1'
#
_entity_poly.entity_id   1
_entity_poly.type   'polypeptide(L)'
_entity_poly.pdbx_seq_one_letter_code
;GPVTSSLSAEEAQLKVWIQSQIHPRELFGVLSLGKRAAKLDDNPDFVQWLRLVKDFRANNGNQAFSDLDIYYLLLKTNSP
EQLKLLFETLRHTPGMTKIGASMEKSLSGNWIRKALEQDTYPTIVYNTLRLKDAGTKLDDTPMFRQWLEYVEKYWNKNAG
AFFGDTQMLTLFQKTMTEEEDIIKLVHMLRNNPGMKSHADKLERYLLLTSESSHKTMADVWLKARETPEEVFRILRLAEK
QTAAADDNRMLNLWLRYTQTYRDKIDKNAFSDAEALQFFRKAKPLDFDWEIV
;
_entity_poly.pdbx_strand_id   A
#
# COMPACT_ATOMS: atom_id res chain seq x y z
N SER A 8 -35.73 4.98 -24.46
CA SER A 8 -35.27 4.48 -23.14
C SER A 8 -34.62 5.60 -22.32
N ALA A 9 -35.03 5.72 -21.06
CA ALA A 9 -34.56 6.79 -20.16
C ALA A 9 -33.04 6.79 -19.98
N GLU A 10 -32.48 5.61 -19.70
CA GLU A 10 -31.03 5.46 -19.54
C GLU A 10 -30.29 5.74 -20.84
N GLU A 11 -30.81 5.22 -21.96
CA GLU A 11 -30.20 5.42 -23.29
C GLU A 11 -30.09 6.90 -23.69
N ALA A 12 -31.10 7.69 -23.34
CA ALA A 12 -31.12 9.14 -23.65
C ALA A 12 -30.19 9.96 -22.75
N GLN A 13 -30.14 9.62 -21.46
CA GLN A 13 -29.24 10.27 -20.50
C GLN A 13 -27.77 10.13 -20.93
N LEU A 14 -27.40 8.91 -21.31
CA LEU A 14 -26.08 8.62 -21.85
C LEU A 14 -25.71 9.55 -23.02
N LYS A 15 -26.64 9.74 -23.96
CA LYS A 15 -26.42 10.63 -25.10
C LYS A 15 -26.11 12.05 -24.63
N VAL A 16 -26.90 12.52 -23.67
CA VAL A 16 -26.71 13.86 -23.11
C VAL A 16 -25.28 14.04 -22.60
N TRP A 17 -24.80 13.08 -21.81
CA TRP A 17 -23.44 13.14 -21.25
C TRP A 17 -22.36 13.15 -22.35
N ILE A 18 -22.58 12.33 -23.39
CA ILE A 18 -21.60 12.17 -24.47
C ILE A 18 -21.51 13.47 -25.28
N GLN A 19 -22.67 13.96 -25.73
CA GLN A 19 -22.76 15.25 -26.44
C GLN A 19 -22.19 16.41 -25.63
N SER A 20 -22.41 16.38 -24.31
CA SER A 20 -21.90 17.40 -23.40
C SER A 20 -20.38 17.38 -23.19
N GLN A 21 -19.75 16.24 -23.48
CA GLN A 21 -18.31 16.04 -23.33
C GLN A 21 -17.85 16.26 -21.88
N ILE A 22 -18.70 15.81 -20.94
CA ILE A 22 -18.40 15.88 -19.51
C ILE A 22 -17.33 14.84 -19.19
N HIS A 23 -16.34 15.23 -18.38
CA HIS A 23 -15.22 14.35 -18.05
C HIS A 23 -15.65 13.35 -16.97
N PRO A 24 -15.30 12.04 -17.12
CA PRO A 24 -15.84 11.06 -16.17
C PRO A 24 -15.51 11.30 -14.68
N ARG A 25 -14.36 11.88 -14.36
CA ARG A 25 -14.06 12.29 -12.98
C ARG A 25 -15.09 13.29 -12.46
N GLU A 26 -15.46 14.27 -13.28
CA GLU A 26 -16.48 15.27 -12.92
C GLU A 26 -17.84 14.61 -12.70
N LEU A 27 -18.24 13.72 -13.61
CA LEU A 27 -19.51 13.02 -13.49
C LEU A 27 -19.55 12.08 -12.29
N PHE A 28 -18.43 11.40 -12.02
CA PHE A 28 -18.31 10.53 -10.84
C PHE A 28 -18.65 11.29 -9.55
N GLY A 29 -18.11 12.51 -9.44
CA GLY A 29 -18.42 13.42 -8.34
C GLY A 29 -19.89 13.81 -8.19
N VAL A 30 -20.49 14.32 -9.27
CA VAL A 30 -21.89 14.81 -9.22
C VAL A 30 -22.92 13.68 -9.07
N LEU A 31 -22.60 12.50 -9.61
CA LEU A 31 -23.41 11.30 -9.37
C LEU A 31 -23.17 10.69 -7.99
N SER A 32 -22.16 11.19 -7.26
CA SER A 32 -21.86 10.79 -5.88
C SER A 32 -21.66 9.28 -5.78
N LEU A 33 -20.86 8.75 -6.68
CA LEU A 33 -20.57 7.31 -6.72
C LEU A 33 -19.49 6.94 -5.71
N GLY A 34 -18.79 7.94 -5.18
CA GLY A 34 -17.89 7.76 -4.04
C GLY A 34 -18.57 7.43 -2.71
N LYS A 35 -19.86 7.74 -2.59
CA LYS A 35 -20.60 7.53 -1.33
C LYS A 35 -21.06 6.09 -1.08
N ARG A 36 -20.80 5.18 -2.02
CA ARG A 36 -21.27 3.80 -1.90
C ARG A 36 -20.42 2.81 -2.70
N ALA A 37 -20.64 1.52 -2.43
CA ALA A 37 -19.87 0.44 -3.04
C ALA A 37 -20.00 0.46 -4.55
N ALA A 38 -18.88 0.26 -5.24
CA ALA A 38 -18.86 0.12 -6.70
C ALA A 38 -19.26 -1.32 -7.06
N LYS A 39 -20.57 -1.55 -7.13
CA LYS A 39 -21.15 -2.83 -7.55
C LYS A 39 -22.07 -2.57 -8.72
N LEU A 40 -22.39 -3.61 -9.49
CA LEU A 40 -23.36 -3.50 -10.59
C LEU A 40 -24.83 -3.64 -10.13
N ASP A 41 -25.06 -4.18 -8.94
CA ASP A 41 -26.42 -4.38 -8.42
C ASP A 41 -26.86 -3.19 -7.59
N ASP A 42 -28.10 -2.75 -7.83
CA ASP A 42 -28.69 -1.58 -7.18
C ASP A 42 -27.78 -0.35 -7.32
N ASN A 43 -27.22 -0.15 -8.52
CA ASN A 43 -26.35 0.99 -8.78
C ASN A 43 -26.35 1.33 -10.27
N PRO A 44 -27.55 1.60 -10.84
CA PRO A 44 -27.65 1.91 -12.27
C PRO A 44 -26.90 3.17 -12.68
N ASP A 45 -26.69 4.09 -11.73
CA ASP A 45 -25.83 5.26 -11.95
C ASP A 45 -24.38 4.88 -12.20
N PHE A 46 -23.89 3.86 -11.50
CA PHE A 46 -22.53 3.36 -11.72
C PHE A 46 -22.40 2.66 -13.07
N VAL A 47 -23.35 1.78 -13.38
CA VAL A 47 -23.35 1.06 -14.67
C VAL A 47 -23.35 2.08 -15.82
N GLN A 48 -24.23 3.06 -15.74
CA GLN A 48 -24.27 4.18 -16.70
C GLN A 48 -22.93 4.92 -16.77
N TRP A 49 -22.33 5.19 -15.62
CA TRP A 49 -21.01 5.83 -15.57
C TRP A 49 -19.96 5.02 -16.34
N LEU A 50 -19.99 3.70 -16.22
CA LEU A 50 -19.08 2.83 -16.98
C LEU A 50 -19.35 2.93 -18.49
N ARG A 51 -20.63 2.96 -18.86
CA ARG A 51 -21.01 3.14 -20.26
C ARG A 51 -20.44 4.45 -20.84
N LEU A 52 -20.49 5.54 -20.06
CA LEU A 52 -19.84 6.79 -20.46
C LEU A 52 -18.32 6.65 -20.55
N VAL A 53 -17.72 5.98 -19.58
CA VAL A 53 -16.27 5.78 -19.58
C VAL A 53 -15.89 5.06 -20.87
N LYS A 54 -16.56 3.95 -21.14
CA LYS A 54 -16.37 3.17 -22.38
C LYS A 54 -16.35 4.05 -23.63
N ASP A 55 -17.42 4.83 -23.82
CA ASP A 55 -17.54 5.73 -24.97
C ASP A 55 -16.47 6.84 -24.98
N PHE A 56 -16.18 7.40 -23.81
CA PHE A 56 -15.17 8.46 -23.67
C PHE A 56 -13.78 7.98 -24.08
N ARG A 57 -13.47 6.71 -23.84
CA ARG A 57 -12.21 6.11 -24.25
C ARG A 57 -12.11 5.92 -25.75
N ALA A 58 -13.12 5.27 -26.32
CA ALA A 58 -13.22 5.07 -27.77
C ALA A 58 -12.98 6.38 -28.52
N ASN A 59 -13.72 7.42 -28.15
CA ASN A 59 -13.64 8.73 -28.83
C ASN A 59 -12.39 9.56 -28.52
N ASN A 60 -11.75 9.35 -27.37
CA ASN A 60 -10.57 10.15 -26.95
C ASN A 60 -9.26 9.38 -26.73
N GLY A 61 -9.29 8.05 -26.77
CA GLY A 61 -8.12 7.23 -26.40
C GLY A 61 -8.11 6.87 -24.93
N ASN A 62 -7.45 5.76 -24.60
CA ASN A 62 -7.41 5.25 -23.23
C ASN A 62 -6.70 6.16 -22.24
N GLN A 63 -5.62 6.81 -22.67
CA GLN A 63 -4.93 7.80 -21.82
C GLN A 63 -5.82 8.96 -21.36
N ALA A 64 -6.85 9.31 -22.14
CA ALA A 64 -7.84 10.34 -21.75
C ALA A 64 -8.51 10.05 -20.41
N PHE A 65 -8.69 8.76 -20.09
CA PHE A 65 -9.11 8.31 -18.76
C PHE A 65 -8.65 6.86 -18.54
N SER A 66 -7.43 6.73 -18.02
CA SER A 66 -6.71 5.44 -17.99
C SER A 66 -7.30 4.40 -17.04
N ASP A 67 -6.75 3.19 -17.13
CA ASP A 67 -7.03 2.13 -16.17
C ASP A 67 -6.67 2.58 -14.75
N LEU A 68 -5.51 3.20 -14.60
CA LEU A 68 -5.05 3.67 -13.30
C LEU A 68 -5.90 4.84 -12.76
N ASP A 69 -6.25 5.79 -13.64
CA ASP A 69 -7.23 6.84 -13.30
C ASP A 69 -8.48 6.21 -12.70
N ILE A 70 -9.00 5.18 -13.38
CA ILE A 70 -10.17 4.44 -12.91
C ILE A 70 -9.87 3.74 -11.58
N TYR A 71 -8.74 3.04 -11.50
CA TYR A 71 -8.41 2.26 -10.30
C TYR A 71 -8.27 3.14 -9.07
N TYR A 72 -7.50 4.21 -9.19
CA TYR A 72 -7.20 5.04 -8.03
C TYR A 72 -8.37 5.93 -7.59
N LEU A 73 -9.26 6.28 -8.52
CA LEU A 73 -10.52 6.96 -8.15
C LEU A 73 -11.41 6.07 -7.30
N LEU A 74 -11.57 4.83 -7.73
CA LEU A 74 -12.42 3.87 -7.03
C LEU A 74 -11.79 3.36 -5.73
N LEU A 75 -10.46 3.32 -5.70
CA LEU A 75 -9.73 2.87 -4.51
C LEU A 75 -9.94 3.79 -3.31
N LYS A 76 -10.17 5.08 -3.57
CA LYS A 76 -10.45 6.03 -2.48
C LYS A 76 -11.58 5.57 -1.58
N THR A 77 -12.61 4.94 -2.15
CA THR A 77 -13.79 4.49 -1.40
C THR A 77 -14.19 3.01 -1.59
N ASN A 78 -13.30 2.19 -2.18
CA ASN A 78 -13.45 0.73 -2.21
C ASN A 78 -12.13 0.05 -1.89
N SER A 79 -12.20 -1.17 -1.36
CA SER A 79 -11.00 -1.94 -1.04
C SER A 79 -10.46 -2.65 -2.29
N PRO A 80 -9.13 -2.92 -2.35
CA PRO A 80 -8.54 -3.72 -3.43
C PRO A 80 -9.26 -5.04 -3.72
N GLU A 81 -9.79 -5.66 -2.67
CA GLU A 81 -10.45 -6.97 -2.77
C GLU A 81 -11.80 -6.82 -3.47
N GLN A 82 -12.56 -5.78 -3.11
CA GLN A 82 -13.82 -5.44 -3.78
C GLN A 82 -13.60 -5.14 -5.27
N LEU A 83 -12.56 -4.35 -5.57
CA LEU A 83 -12.25 -3.97 -6.96
C LEU A 83 -11.78 -5.14 -7.83
N LYS A 84 -11.06 -6.10 -7.23
CA LYS A 84 -10.70 -7.33 -7.91
C LYS A 84 -11.94 -8.09 -8.37
N LEU A 85 -12.91 -8.25 -7.45
CA LEU A 85 -14.19 -8.89 -7.75
C LEU A 85 -15.02 -8.07 -8.73
N LEU A 86 -14.96 -6.75 -8.61
CA LEU A 86 -15.65 -5.88 -9.56
C LEU A 86 -15.16 -6.12 -10.99
N PHE A 87 -13.85 -6.11 -11.20
CA PHE A 87 -13.30 -6.26 -12.55
C PHE A 87 -13.51 -7.66 -13.13
N GLU A 88 -13.51 -8.67 -12.25
CA GLU A 88 -13.93 -10.01 -12.65
C GLU A 88 -15.36 -9.98 -13.20
N THR A 89 -16.28 -9.39 -12.44
CA THR A 89 -17.68 -9.28 -12.85
C THR A 89 -17.86 -8.53 -14.17
N LEU A 90 -17.10 -7.44 -14.38
CA LEU A 90 -17.17 -6.69 -15.63
C LEU A 90 -16.70 -7.51 -16.82
N ARG A 91 -15.59 -8.22 -16.63
CA ARG A 91 -15.04 -9.11 -17.67
C ARG A 91 -16.02 -10.21 -18.10
N HIS A 92 -16.92 -10.61 -17.18
CA HIS A 92 -17.96 -11.60 -17.46
C HIS A 92 -19.40 -11.01 -17.50
N THR A 93 -19.52 -9.75 -17.93
CA THR A 93 -20.81 -9.09 -18.12
C THR A 93 -20.90 -8.62 -19.58
N PRO A 94 -21.94 -9.06 -20.33
CA PRO A 94 -22.09 -8.61 -21.72
C PRO A 94 -22.10 -7.09 -21.84
N GLY A 95 -21.30 -6.58 -22.76
CA GLY A 95 -21.14 -5.14 -22.95
C GLY A 95 -19.98 -4.52 -22.18
N MET A 96 -19.50 -5.20 -21.13
CA MET A 96 -18.44 -4.69 -20.25
C MET A 96 -17.14 -5.50 -20.35
N THR A 97 -17.10 -6.49 -21.24
CA THR A 97 -16.00 -7.47 -21.23
C THR A 97 -14.64 -6.86 -21.57
N LYS A 98 -14.62 -5.95 -22.54
CA LYS A 98 -13.37 -5.31 -23.00
C LYS A 98 -12.67 -4.55 -21.88
N ILE A 99 -13.42 -3.73 -21.14
CA ILE A 99 -12.84 -2.90 -20.09
C ILE A 99 -12.40 -3.72 -18.86
N GLY A 100 -13.24 -4.64 -18.40
CA GLY A 100 -12.86 -5.57 -17.34
C GLY A 100 -11.52 -6.22 -17.63
N ALA A 101 -11.38 -6.76 -18.84
CA ALA A 101 -10.14 -7.39 -19.29
C ALA A 101 -8.96 -6.42 -19.35
N SER A 102 -9.21 -5.17 -19.75
CA SER A 102 -8.18 -4.12 -19.75
C SER A 102 -7.66 -3.85 -18.33
N MET A 103 -8.60 -3.71 -17.39
CA MET A 103 -8.28 -3.49 -15.98
C MET A 103 -7.45 -4.66 -15.42
N GLU A 104 -7.99 -5.87 -15.57
CA GLU A 104 -7.33 -7.08 -15.07
C GLU A 104 -5.91 -7.23 -15.62
N LYS A 105 -5.73 -6.90 -16.90
CA LYS A 105 -4.40 -6.88 -17.52
C LYS A 105 -3.50 -5.83 -16.86
N SER A 106 -4.03 -4.62 -16.69
CA SER A 106 -3.28 -3.54 -16.02
C SER A 106 -2.90 -3.82 -14.56
N LEU A 107 -3.59 -4.75 -13.89
CA LEU A 107 -3.29 -5.12 -12.50
C LEU A 107 -2.74 -6.53 -12.29
N SER A 108 -2.35 -7.21 -13.36
CA SER A 108 -1.91 -8.62 -13.28
C SER A 108 -0.46 -8.83 -12.83
N GLY A 109 0.42 -7.90 -13.18
CA GLY A 109 1.85 -8.03 -12.89
C GLY A 109 2.69 -8.40 -14.10
N ASN A 110 2.05 -8.55 -15.27
CA ASN A 110 2.74 -8.92 -16.52
C ASN A 110 3.52 -7.74 -17.10
N TRP A 111 4.52 -7.33 -16.33
CA TRP A 111 5.48 -6.28 -16.70
C TRP A 111 6.86 -6.47 -16.06
N ILE A 112 6.97 -7.36 -15.07
CA ILE A 112 8.17 -7.50 -14.26
C ILE A 112 9.28 -8.10 -15.11
N ARG A 113 8.98 -9.15 -15.87
CA ARG A 113 9.97 -9.80 -16.74
C ARG A 113 10.55 -8.83 -17.77
N LYS A 114 9.67 -8.24 -18.59
CA LYS A 114 10.11 -7.24 -19.58
C LYS A 114 10.75 -5.99 -18.95
N ALA A 115 10.25 -5.55 -17.80
CA ALA A 115 10.84 -4.41 -17.09
C ALA A 115 12.07 -4.76 -16.24
N LEU A 116 12.19 -6.03 -15.81
CA LEU A 116 13.32 -6.48 -14.99
C LEU A 116 14.61 -6.42 -15.79
N GLU A 117 14.80 -7.35 -16.74
CA GLU A 117 15.94 -7.32 -17.67
C GLU A 117 16.28 -5.92 -18.20
N GLN A 118 15.27 -5.12 -18.51
CA GLN A 118 15.50 -3.72 -18.92
C GLN A 118 16.29 -2.90 -17.89
N ASP A 119 16.23 -3.28 -16.62
CA ASP A 119 16.95 -2.62 -15.53
C ASP A 119 16.38 -1.22 -15.31
N THR A 120 15.13 -1.16 -14.86
CA THR A 120 14.42 0.09 -14.63
C THR A 120 14.47 0.42 -13.14
N TYR A 121 14.75 1.68 -12.83
CA TYR A 121 14.93 2.09 -11.43
C TYR A 121 13.59 1.90 -10.69
N PRO A 122 13.61 1.33 -9.46
CA PRO A 122 12.30 1.14 -8.80
C PRO A 122 11.48 2.42 -8.72
N THR A 123 12.12 3.53 -8.35
CA THR A 123 11.46 4.83 -8.31
C THR A 123 10.60 5.07 -9.55
N ILE A 124 11.14 4.79 -10.74
CA ILE A 124 10.42 4.97 -12.01
C ILE A 124 9.18 4.08 -12.02
N VAL A 125 9.37 2.79 -11.71
CA VAL A 125 8.28 1.81 -11.69
C VAL A 125 7.23 2.19 -10.65
N TYR A 126 7.69 2.62 -9.47
CA TYR A 126 6.80 3.10 -8.41
C TYR A 126 5.83 4.19 -8.90
N ASN A 127 6.28 5.02 -9.84
CA ASN A 127 5.45 6.09 -10.40
C ASN A 127 4.83 5.81 -11.77
N THR A 128 5.36 4.82 -12.49
CA THR A 128 4.62 4.20 -13.58
C THR A 128 3.33 3.59 -13.03
N LEU A 129 3.46 2.86 -11.90
CA LEU A 129 2.32 2.24 -11.22
C LEU A 129 1.44 3.22 -10.41
N ARG A 130 1.92 4.46 -10.24
CA ARG A 130 1.19 5.52 -9.54
C ARG A 130 0.83 5.15 -8.10
N LEU A 131 1.79 4.52 -7.41
CA LEU A 131 1.56 4.03 -6.06
C LEU A 131 1.45 5.13 -5.02
N LYS A 132 1.95 6.34 -5.31
CA LYS A 132 1.71 7.52 -4.47
C LYS A 132 0.21 7.81 -4.29
N ASP A 133 -0.58 7.57 -5.34
CA ASP A 133 -2.03 7.78 -5.29
C ASP A 133 -2.79 6.75 -4.45
N ALA A 134 -2.13 5.67 -4.03
CA ALA A 134 -2.75 4.63 -3.18
C ALA A 134 -3.05 5.10 -1.77
N GLY A 135 -2.28 6.09 -1.27
CA GLY A 135 -2.47 6.59 0.09
C GLY A 135 -2.28 5.51 1.14
N THR A 136 -3.07 5.59 2.20
CA THR A 136 -2.96 4.64 3.33
C THR A 136 -3.38 3.22 2.97
N LYS A 137 -3.98 3.03 1.79
CA LYS A 137 -4.32 1.70 1.30
C LYS A 137 -3.16 0.97 0.60
N LEU A 138 -2.02 1.64 0.40
CA LEU A 138 -0.84 1.07 -0.30
C LEU A 138 -0.56 -0.41 -0.02
N ASP A 139 -0.33 -0.78 1.24
CA ASP A 139 0.04 -2.17 1.58
C ASP A 139 -1.02 -3.25 1.33
N ASP A 140 -2.24 -2.87 0.94
CA ASP A 140 -3.25 -3.84 0.51
C ASP A 140 -3.41 -3.94 -1.01
N THR A 141 -2.76 -3.05 -1.78
CA THR A 141 -2.92 -3.07 -3.24
C THR A 141 -2.03 -4.15 -3.86
N PRO A 142 -2.57 -4.93 -4.82
CA PRO A 142 -1.73 -5.91 -5.52
C PRO A 142 -0.52 -5.30 -6.25
N MET A 143 -0.69 -4.13 -6.85
CA MET A 143 0.41 -3.46 -7.54
C MET A 143 1.60 -3.13 -6.63
N PHE A 144 1.32 -2.81 -5.36
CA PHE A 144 2.39 -2.61 -4.38
C PHE A 144 3.13 -3.92 -4.13
N ARG A 145 2.38 -5.00 -3.88
CA ARG A 145 2.98 -6.34 -3.72
C ARG A 145 3.83 -6.74 -4.92
N GLN A 146 3.39 -6.38 -6.13
CA GLN A 146 4.14 -6.63 -7.36
C GLN A 146 5.44 -5.82 -7.38
N TRP A 147 5.37 -4.56 -7.00
CA TRP A 147 6.56 -3.70 -6.94
C TRP A 147 7.60 -4.20 -5.93
N LEU A 148 7.17 -4.82 -4.84
CA LEU A 148 8.09 -5.46 -3.91
C LEU A 148 8.84 -6.64 -4.57
N GLU A 149 8.15 -7.40 -5.44
CA GLU A 149 8.82 -8.42 -6.26
C GLU A 149 9.88 -7.80 -7.16
N TYR A 150 9.51 -6.76 -7.93
CA TYR A 150 10.46 -6.12 -8.84
C TYR A 150 11.65 -5.46 -8.14
N VAL A 151 11.50 -5.06 -6.88
CA VAL A 151 12.63 -4.49 -6.12
C VAL A 151 13.56 -5.62 -5.66
N GLU A 152 12.99 -6.65 -5.03
CA GLU A 152 13.74 -7.83 -4.60
C GLU A 152 14.59 -8.43 -5.73
N LYS A 153 13.96 -8.59 -6.90
CA LYS A 153 14.65 -9.08 -8.12
C LYS A 153 15.67 -8.08 -8.68
N TYR A 154 15.35 -6.79 -8.65
CA TYR A 154 16.28 -5.74 -9.10
C TYR A 154 17.58 -5.74 -8.28
N TRP A 155 17.47 -6.04 -6.99
CA TRP A 155 18.66 -6.16 -6.13
C TRP A 155 19.54 -7.35 -6.48
N ASN A 156 18.94 -8.48 -6.84
CA ASN A 156 19.69 -9.70 -7.21
C ASN A 156 20.17 -9.65 -8.68
N LYS A 157 20.73 -8.52 -9.10
CA LYS A 157 21.08 -8.27 -10.51
C LYS A 157 22.14 -7.19 -10.68
N ASN A 158 21.81 -5.95 -10.30
CA ASN A 158 22.64 -4.76 -10.55
C ASN A 158 22.65 -4.39 -12.03
N PHE A 162 21.83 1.56 -8.56
CA PHE A 162 21.62 1.16 -7.18
C PHE A 162 20.53 1.98 -6.48
N PHE A 163 19.67 1.28 -5.76
CA PHE A 163 18.47 1.82 -5.13
C PHE A 163 18.46 1.35 -3.67
N GLY A 164 18.39 2.30 -2.73
CA GLY A 164 18.60 2.03 -1.31
C GLY A 164 17.38 2.18 -0.42
N ASP A 165 17.51 1.64 0.80
CA ASP A 165 16.42 1.60 1.78
C ASP A 165 15.82 2.97 2.11
N THR A 166 16.65 3.99 2.22
CA THR A 166 16.19 5.35 2.50
C THR A 166 15.33 5.91 1.36
N GLN A 167 15.72 5.63 0.13
CA GLN A 167 14.97 6.05 -1.05
C GLN A 167 13.60 5.37 -1.16
N MET A 168 13.53 4.12 -0.69
CA MET A 168 12.25 3.41 -0.57
C MET A 168 11.34 4.11 0.45
N LEU A 169 11.90 4.42 1.62
CA LEU A 169 11.19 5.15 2.67
C LEU A 169 10.71 6.53 2.22
N THR A 170 11.51 7.21 1.39
CA THR A 170 11.11 8.49 0.80
C THR A 170 9.82 8.34 -0.02
N LEU A 171 9.74 7.29 -0.83
CA LEU A 171 8.54 7.02 -1.63
C LEU A 171 7.32 6.82 -0.75
N PHE A 172 7.47 6.01 0.31
CA PHE A 172 6.39 5.77 1.26
C PHE A 172 5.88 7.08 1.88
N GLN A 173 6.80 7.95 2.24
CA GLN A 173 6.48 9.24 2.86
C GLN A 173 5.82 10.24 1.88
N LYS A 174 6.13 10.12 0.58
CA LYS A 174 5.43 10.87 -0.47
C LYS A 174 4.13 10.18 -0.95
N THR A 175 3.78 9.06 -0.34
CA THR A 175 2.52 8.37 -0.60
C THR A 175 1.48 8.61 0.51
N MET A 176 1.94 8.64 1.75
CA MET A 176 1.08 8.90 2.91
C MET A 176 1.81 9.78 3.93
N THR A 177 1.06 10.66 4.58
CA THR A 177 1.62 11.76 5.37
C THR A 177 1.85 11.42 6.85
N GLU A 178 0.97 10.61 7.44
CA GLU A 178 1.04 10.28 8.86
C GLU A 178 2.11 9.24 9.16
N GLU A 179 2.97 9.56 10.12
CA GLU A 179 4.03 8.66 10.57
C GLU A 179 3.50 7.33 11.09
N GLU A 180 2.36 7.36 11.80
CA GLU A 180 1.74 6.13 12.31
C GLU A 180 1.39 5.16 11.18
N ASP A 181 0.95 5.69 10.04
CA ASP A 181 0.69 4.87 8.86
C ASP A 181 2.01 4.32 8.29
N ILE A 182 3.04 5.18 8.23
CA ILE A 182 4.38 4.78 7.76
C ILE A 182 4.99 3.68 8.65
N ILE A 183 4.77 3.76 9.96
CA ILE A 183 5.33 2.77 10.90
C ILE A 183 4.61 1.42 10.76
N LYS A 184 3.28 1.43 10.68
CA LYS A 184 2.52 0.20 10.46
C LYS A 184 2.91 -0.48 9.15
N LEU A 185 3.09 0.32 8.09
CA LEU A 185 3.54 -0.16 6.77
C LEU A 185 4.86 -0.93 6.85
N VAL A 186 5.88 -0.28 7.43
CA VAL A 186 7.21 -0.87 7.56
C VAL A 186 7.18 -2.15 8.40
N HIS A 187 6.40 -2.14 9.48
CA HIS A 187 6.25 -3.34 10.30
C HIS A 187 5.45 -4.45 9.60
N MET A 188 4.57 -4.11 8.66
CA MET A 188 3.91 -5.12 7.82
C MET A 188 4.87 -5.77 6.82
N LEU A 189 5.85 -5.00 6.30
CA LEU A 189 6.88 -5.56 5.41
C LEU A 189 7.70 -6.69 6.02
N ARG A 190 7.79 -6.73 7.35
CA ARG A 190 8.43 -7.86 8.05
C ARG A 190 7.86 -9.22 7.61
N ASN A 191 6.54 -9.26 7.39
CA ASN A 191 5.86 -10.49 6.94
C ASN A 191 6.36 -11.02 5.59
N ASN A 192 6.77 -10.11 4.70
CA ASN A 192 7.47 -10.46 3.47
C ASN A 192 8.93 -10.82 3.77
N PRO A 193 9.26 -12.14 3.75
CA PRO A 193 10.67 -12.48 4.00
C PRO A 193 11.51 -12.11 2.77
N GLY A 194 12.73 -11.64 3.00
CA GLY A 194 13.52 -11.01 1.94
C GLY A 194 13.43 -9.49 2.01
N MET A 195 12.28 -8.97 2.46
CA MET A 195 12.17 -7.57 2.87
C MET A 195 12.47 -7.37 4.36
N LYS A 196 12.12 -8.35 5.19
CA LYS A 196 12.38 -8.35 6.65
C LYS A 196 13.72 -7.70 7.05
N SER A 197 14.78 -8.02 6.31
CA SER A 197 16.10 -7.38 6.47
C SER A 197 16.03 -5.86 6.41
N HIS A 198 15.50 -5.35 5.31
CA HIS A 198 15.49 -3.92 5.01
C HIS A 198 14.45 -3.17 5.85
N ALA A 199 13.33 -3.83 6.15
CA ALA A 199 12.29 -3.25 7.00
C ALA A 199 12.83 -2.96 8.39
N ASP A 200 13.46 -3.96 9.00
CA ASP A 200 14.10 -3.81 10.32
C ASP A 200 15.09 -2.65 10.35
N LYS A 201 15.81 -2.47 9.24
CA LYS A 201 16.73 -1.34 9.10
C LYS A 201 15.98 -0.01 9.10
N LEU A 202 14.89 0.06 8.35
CA LEU A 202 14.04 1.26 8.33
C LEU A 202 13.41 1.56 9.70
N GLU A 203 12.98 0.52 10.42
CA GLU A 203 12.48 0.71 11.78
C GLU A 203 13.52 1.40 12.67
N ARG A 204 14.78 0.96 12.59
CA ARG A 204 15.86 1.61 13.33
C ARG A 204 16.09 3.05 12.86
N TYR A 205 16.14 3.27 11.55
CA TYR A 205 16.34 4.60 10.98
C TYR A 205 15.31 5.63 11.45
N LEU A 206 14.04 5.21 11.55
CA LEU A 206 12.98 6.07 12.08
C LEU A 206 13.20 6.37 13.57
N LEU A 207 13.49 5.34 14.35
CA LEU A 207 13.74 5.50 15.78
C LEU A 207 14.94 6.39 16.13
N LEU A 208 15.92 6.47 15.24
CA LEU A 208 17.09 7.32 15.44
C LEU A 208 16.93 8.72 14.84
N THR A 209 15.84 8.99 14.11
CA THR A 209 15.61 10.28 13.48
C THR A 209 14.28 10.97 13.88
N SER A 210 13.57 10.44 14.87
CA SER A 210 12.24 10.94 15.22
C SER A 210 11.76 10.48 16.59
N GLU A 211 11.64 11.41 17.54
CA GLU A 211 11.13 11.11 18.88
C GLU A 211 9.67 10.62 18.89
N SER A 212 8.82 11.23 18.06
CA SER A 212 7.42 10.80 17.93
C SER A 212 7.25 9.33 17.55
N SER A 213 8.20 8.81 16.76
CA SER A 213 8.20 7.39 16.35
C SER A 213 8.22 6.38 17.51
N HIS A 214 8.81 6.77 18.65
CA HIS A 214 9.07 5.83 19.76
C HIS A 214 7.78 5.31 20.39
N LYS A 215 6.90 6.22 20.77
CA LYS A 215 5.62 5.85 21.36
C LYS A 215 4.77 5.07 20.35
N THR A 216 4.71 5.55 19.12
CA THR A 216 3.94 4.90 18.06
C THR A 216 4.43 3.48 17.78
N MET A 217 5.74 3.35 17.56
CA MET A 217 6.38 2.05 17.29
C MET A 217 6.13 1.03 18.39
N ALA A 218 6.25 1.46 19.64
CA ALA A 218 5.99 0.60 20.80
C ALA A 218 4.55 0.08 20.84
N ASP A 219 3.60 0.92 20.41
CA ASP A 219 2.19 0.52 20.32
C ASP A 219 1.96 -0.49 19.18
N VAL A 220 2.66 -0.30 18.06
CA VAL A 220 2.58 -1.21 16.92
C VAL A 220 3.13 -2.61 17.24
N TRP A 221 4.24 -2.68 17.95
CA TRP A 221 4.80 -3.95 18.42
C TRP A 221 3.86 -4.63 19.42
N LEU A 222 3.28 -3.83 20.31
CA LEU A 222 2.41 -4.35 21.37
C LEU A 222 1.11 -4.91 20.80
N LYS A 223 0.52 -4.21 19.82
CA LYS A 223 -0.66 -4.71 19.10
C LYS A 223 -0.33 -5.98 18.30
N ALA A 224 0.86 -6.03 17.70
CA ALA A 224 1.35 -7.22 17.02
C ALA A 224 1.86 -8.32 17.95
N ARG A 225 1.86 -8.05 19.27
CA ARG A 225 2.22 -9.01 20.32
C ARG A 225 3.67 -9.50 20.17
N GLU A 226 4.55 -8.61 19.71
CA GLU A 226 5.95 -8.96 19.47
C GLU A 226 6.64 -9.19 20.81
N THR A 227 7.46 -10.24 20.88
CA THR A 227 8.17 -10.58 22.12
C THR A 227 9.32 -9.60 22.37
N PRO A 228 9.71 -9.41 23.64
CA PRO A 228 10.93 -8.65 23.95
C PRO A 228 12.15 -9.16 23.18
N GLU A 229 12.24 -10.48 22.99
CA GLU A 229 13.35 -11.10 22.26
C GLU A 229 13.36 -10.68 20.79
N GLU A 230 12.19 -10.66 20.15
CA GLU A 230 12.09 -10.22 18.76
C GLU A 230 12.52 -8.75 18.62
N VAL A 231 12.02 -7.89 19.49
CA VAL A 231 12.34 -6.45 19.44
C VAL A 231 13.84 -6.23 19.66
N PHE A 232 14.40 -6.92 20.66
CA PHE A 232 15.86 -6.94 20.89
C PHE A 232 16.62 -7.29 19.61
N ARG A 233 16.07 -8.21 18.83
CA ARG A 233 16.64 -8.63 17.54
C ARG A 233 16.50 -7.55 16.45
N ILE A 234 15.33 -6.90 16.39
CA ILE A 234 15.10 -5.79 15.43
C ILE A 234 16.09 -4.65 15.68
N LEU A 235 16.25 -4.29 16.96
CA LEU A 235 17.12 -3.19 17.36
C LEU A 235 18.61 -3.54 17.27
N ARG A 236 18.92 -4.84 17.17
CA ARG A 236 20.29 -5.35 17.02
C ARG A 236 21.15 -4.87 18.18
N LEU A 237 20.65 -5.11 19.39
CA LEU A 237 21.32 -4.72 20.63
C LEU A 237 22.42 -5.71 21.05
N ALA A 238 22.43 -6.89 20.44
CA ALA A 238 23.56 -7.82 20.57
C ALA A 238 24.87 -7.25 20.02
N GLU A 239 24.79 -6.40 18.99
CA GLU A 239 25.97 -5.69 18.45
C GLU A 239 26.60 -4.74 19.49
N LYS A 240 27.78 -4.22 19.14
CA LYS A 240 28.48 -3.23 19.96
C LYS A 240 27.78 -1.87 19.88
N GLN A 241 27.88 -1.10 20.96
CA GLN A 241 27.21 0.21 21.07
C GLN A 241 28.24 1.34 21.10
N ASP A 246 23.26 2.60 29.67
CA ASP A 246 22.62 3.58 30.57
C ASP A 246 22.66 5.02 30.03
N ASP A 247 23.27 5.21 28.86
CA ASP A 247 23.18 6.46 28.11
C ASP A 247 22.68 6.15 26.68
N ASN A 248 22.03 4.99 26.52
CA ASN A 248 21.67 4.43 25.23
C ASN A 248 20.16 4.52 25.03
N ARG A 249 19.74 5.34 24.07
CA ARG A 249 18.32 5.58 23.79
C ARG A 249 17.58 4.32 23.34
N MET A 250 18.22 3.49 22.53
CA MET A 250 17.63 2.23 22.07
C MET A 250 17.46 1.22 23.20
N LEU A 251 18.45 1.13 24.09
CA LEU A 251 18.36 0.24 25.25
C LEU A 251 17.20 0.64 26.14
N ASN A 252 17.07 1.94 26.43
CA ASN A 252 15.96 2.45 27.24
C ASN A 252 14.62 2.08 26.62
N LEU A 253 14.49 2.38 25.33
CA LEU A 253 13.29 2.05 24.56
C LEU A 253 12.92 0.58 24.66
N TRP A 254 13.91 -0.29 24.50
CA TRP A 254 13.69 -1.74 24.60
C TRP A 254 13.19 -2.14 26.00
N LEU A 255 13.85 -1.61 27.02
CA LEU A 255 13.46 -1.88 28.41
C LEU A 255 12.05 -1.38 28.71
N ARG A 256 11.68 -0.22 28.16
CA ARG A 256 10.33 0.33 28.32
C ARG A 256 9.28 -0.51 27.60
N TYR A 257 9.59 -0.96 26.39
CA TYR A 257 8.69 -1.91 25.70
C TYR A 257 8.54 -3.18 26.52
N THR A 258 9.66 -3.72 26.99
CA THR A 258 9.67 -4.96 27.77
C THR A 258 8.78 -4.88 29.02
N GLN A 259 8.80 -3.75 29.72
CA GLN A 259 7.95 -3.59 30.91
C GLN A 259 6.46 -3.47 30.53
N THR A 260 6.18 -2.82 29.40
CA THR A 260 4.82 -2.78 28.84
C THR A 260 4.33 -4.19 28.52
N TYR A 261 5.18 -4.96 27.86
CA TYR A 261 4.89 -6.37 27.52
C TYR A 261 4.58 -7.16 28.79
N ARG A 262 5.47 -7.07 29.77
CA ARG A 262 5.28 -7.67 31.08
C ARG A 262 3.97 -7.21 31.75
N ASP A 263 3.64 -5.93 31.60
CA ASP A 263 2.39 -5.38 32.18
C ASP A 263 1.12 -5.88 31.47
N LYS A 264 1.13 -5.87 30.13
CA LYS A 264 -0.10 -6.08 29.34
C LYS A 264 -0.31 -7.49 28.76
N ILE A 265 0.76 -8.28 28.60
CA ILE A 265 0.68 -9.52 27.82
C ILE A 265 1.10 -10.80 28.56
N ASP A 266 2.28 -10.80 29.19
CA ASP A 266 2.83 -12.03 29.78
C ASP A 266 2.87 -12.09 31.31
N LYS A 267 3.12 -10.96 31.97
CA LYS A 267 3.26 -10.93 33.45
C LYS A 267 4.41 -11.82 33.97
N ASN A 268 5.10 -12.48 33.05
CA ASN A 268 6.05 -13.54 33.34
C ASN A 268 7.26 -13.49 32.38
N ALA A 269 7.46 -12.34 31.72
CA ALA A 269 8.54 -12.15 30.75
C ALA A 269 9.75 -11.62 31.51
N PHE A 270 10.70 -11.01 30.81
CA PHE A 270 11.84 -10.40 31.49
C PHE A 270 11.37 -9.30 32.44
N SER A 271 11.82 -9.37 33.69
CA SER A 271 11.79 -8.24 34.60
C SER A 271 12.91 -7.28 34.22
N ASP A 272 12.94 -6.13 34.88
CA ASP A 272 13.99 -5.13 34.64
C ASP A 272 15.38 -5.76 34.78
N ALA A 273 15.60 -6.45 35.90
CA ALA A 273 16.88 -7.10 36.18
C ALA A 273 17.22 -8.16 35.13
N GLU A 274 16.25 -9.03 34.86
CA GLU A 274 16.42 -10.11 33.87
C GLU A 274 16.72 -9.59 32.47
N ALA A 275 16.02 -8.53 32.07
CA ALA A 275 16.25 -7.87 30.78
C ALA A 275 17.68 -7.33 30.66
N LEU A 276 18.12 -6.59 31.66
CA LEU A 276 19.51 -6.11 31.72
C LEU A 276 20.53 -7.24 31.64
N GLN A 277 20.21 -8.37 32.27
CA GLN A 277 21.05 -9.57 32.21
C GLN A 277 21.12 -10.10 30.78
N PHE A 278 19.95 -10.26 30.16
CA PHE A 278 19.85 -10.67 28.75
C PHE A 278 20.71 -9.78 27.85
N PHE A 279 20.64 -8.48 28.06
CA PHE A 279 21.44 -7.50 27.32
C PHE A 279 22.95 -7.75 27.48
N ARG A 280 23.38 -8.08 28.70
CA ARG A 280 24.77 -8.48 28.97
C ARG A 280 25.05 -9.89 28.45
N LYS A 281 25.44 -9.97 27.18
CA LYS A 281 25.67 -11.25 26.49
C LYS A 281 26.47 -11.04 25.20
#